data_3LDQ
#
_entry.id   3LDQ
#
_cell.length_a   40.774
_cell.length_b   121.995
_cell.length_c   54.250
_cell.angle_alpha   90.00
_cell.angle_beta   106.88
_cell.angle_gamma   90.00
#
_symmetry.space_group_name_H-M   'P 1 21 1'
#
loop_
_entity.id
_entity.type
_entity.pdbx_description
1 polymer 'Heat shock cognate 71 kDa protein'
2 polymer 'BAG family molecular chaperone regulator 1'
3 non-polymer 8-[(quinolin-2-ylmethyl)amino]adenosine
4 water water
#
loop_
_entity_poly.entity_id
_entity_poly.type
_entity_poly.pdbx_seq_one_letter_code
_entity_poly.pdbx_strand_id
1 'polypeptide(L)'
;YFQGPAVGIDLGTTYSCVGVFQHGKVEIIANDQGNRTTPSYVAFTDTERLIGDAAKNQVAMNPTNTVFDAKRLIGRRFDD
AVVQSDMKHWPFMVVNDAGRPKVQVEYKGETKSFYPEEVSSMVLTKMKEIAEAYLGKTVTNAVVTVPAYFNDSQRQATKD
AGTIAGLNVLRIINEPTAAAIAYGLDKKVGAERNVLIFDLGGGTFDVSILTIEDGIFEVKSTAGDTHLGGEDFDNRMVNH
FIAEFKRKHKKDISENKRAVRRLRTACERAKRTLSSSTQASIEIDSLYEGIDFYTSITRARFEELNADLFRGTLDPVEKA
LRDAKLDKSQIHDIVLVGGSTRIPKIQKLLQDFFNGKELNKSINPDEAVAYGAAVQAAILS
;
A
2 'polypeptide(L)'
;GNSPQEEVELKKLKHLEKSVEKIADQLEELNKELTGIQQGFLPKDLQAEALCKLDRRVKATIEQFMKILEEIDTLILPEN
FKDSRLKRKGLVKKVQAFLAECDTVEQNICQETE
;
B
#
# COMPACT_ATOMS: atom_id res chain seq x y z
N PRO A 5 -20.01 17.69 12.71
CA PRO A 5 -19.76 16.54 11.81
C PRO A 5 -18.78 15.56 12.47
N ALA A 6 -18.99 14.27 12.24
CA ALA A 6 -18.14 13.26 12.86
C ALA A 6 -17.64 12.29 11.80
N VAL A 7 -16.37 11.91 11.89
CA VAL A 7 -15.75 11.03 10.89
C VAL A 7 -15.25 9.71 11.49
N GLY A 8 -15.14 8.70 10.65
CA GLY A 8 -14.54 7.43 11.04
C GLY A 8 -13.22 7.29 10.34
N ILE A 9 -12.17 6.91 11.07
CA ILE A 9 -10.84 6.78 10.48
C ILE A 9 -10.27 5.39 10.74
N ASP A 10 -10.00 4.67 9.66
CA ASP A 10 -9.24 3.43 9.71
C ASP A 10 -7.79 3.87 9.59
N LEU A 11 -7.08 3.84 10.73
CA LEU A 11 -5.65 4.20 10.79
C LEU A 11 -4.87 2.90 10.55
N GLY A 12 -4.48 2.67 9.31
CA GLY A 12 -3.91 1.38 8.92
C GLY A 12 -2.41 1.35 8.91
N THR A 13 -1.84 0.14 8.94
CA THR A 13 -0.37 0.05 8.92
C THR A 13 0.27 0.67 7.66
N THR A 14 -0.29 0.35 6.48
CA THR A 14 0.24 0.79 5.19
C THR A 14 -0.62 1.90 4.53
N TYR A 15 -1.93 1.90 4.82
CA TYR A 15 -2.86 2.88 4.24
C TYR A 15 -3.91 3.26 5.27
N SER A 16 -4.40 4.51 5.22
CA SER A 16 -5.54 4.95 6.03
C SER A 16 -6.76 5.39 5.15
N CYS A 17 -7.94 5.46 5.76
CA CYS A 17 -9.17 5.75 5.01
C CYS A 17 -10.09 6.50 5.97
N VAL A 18 -10.89 7.44 5.45
CA VAL A 18 -11.74 8.25 6.30
C VAL A 18 -13.10 8.28 5.65
N GLY A 19 -14.15 8.14 6.47
CA GLY A 19 -15.48 8.21 5.98
C GLY A 19 -16.34 9.14 6.80
N VAL A 20 -17.47 9.53 6.21
CA VAL A 20 -18.46 10.33 6.90
C VAL A 20 -19.88 9.81 6.53
N PHE A 21 -20.70 9.66 7.56
CA PHE A 21 -22.09 9.28 7.40
C PHE A 21 -22.86 10.60 7.24
N GLN A 22 -23.40 10.85 6.05
CA GLN A 22 -24.15 12.08 5.80
C GLN A 22 -25.27 11.76 4.83
N HIS A 23 -26.36 12.54 4.90
CA HIS A 23 -27.55 12.29 4.05
C HIS A 23 -27.93 10.81 3.98
N GLY A 24 -27.85 10.10 5.10
CA GLY A 24 -28.33 8.70 5.20
C GLY A 24 -27.46 7.58 4.67
N LYS A 25 -26.18 7.85 4.40
CA LYS A 25 -25.30 6.86 3.77
C LYS A 25 -23.86 7.24 4.06
N VAL A 26 -22.96 6.26 4.20
CA VAL A 26 -21.53 6.61 4.32
C VAL A 26 -20.83 6.97 3.01
N GLU A 27 -20.18 8.13 3.02
CA GLU A 27 -19.29 8.56 1.95
C GLU A 27 -17.83 8.30 2.38
N ILE A 28 -17.11 7.44 1.64
CA ILE A 28 -15.65 7.34 1.85
C ILE A 28 -15.01 8.53 1.10
N ILE A 29 -14.16 9.24 1.80
CA ILE A 29 -13.69 10.51 1.29
C ILE A 29 -12.39 10.37 0.51
N ALA A 30 -12.39 10.84 -0.76
CA ALA A 30 -11.16 10.94 -1.57
C ALA A 30 -10.19 11.99 -1.08
N ASN A 31 -8.88 11.69 -1.12
CA ASN A 31 -7.89 12.71 -0.78
C ASN A 31 -7.69 13.73 -1.94
N ASP A 32 -6.69 14.58 -1.80
CA ASP A 32 -6.40 15.62 -2.80
C ASP A 32 -6.00 15.03 -4.16
N GLN A 33 -5.47 13.81 -4.18
CA GLN A 33 -5.10 13.13 -5.41
C GLN A 33 -6.21 12.27 -5.96
N GLY A 34 -7.38 12.35 -5.32
CA GLY A 34 -8.51 11.60 -5.78
C GLY A 34 -8.60 10.18 -5.24
N ASN A 35 -7.75 9.84 -4.27
CA ASN A 35 -7.61 8.43 -3.83
C ASN A 35 -8.46 8.19 -2.59
N ARG A 36 -9.24 7.10 -2.59
CA ARG A 36 -10.10 6.80 -1.42
C ARG A 36 -9.34 6.14 -0.24
N THR A 37 -8.07 5.83 -0.45
CA THR A 37 -7.15 5.50 0.67
C THR A 37 -5.88 6.34 0.59
N THR A 38 -5.21 6.57 1.72
CA THR A 38 -4.01 7.40 1.77
C THR A 38 -2.88 6.61 2.45
N PRO A 39 -1.70 6.51 1.80
CA PRO A 39 -0.50 5.84 2.38
C PRO A 39 -0.18 6.41 3.75
N SER A 40 -0.01 5.53 4.73
CA SER A 40 0.36 5.98 6.08
C SER A 40 1.87 6.27 6.10
N TYR A 41 2.27 7.28 5.32
CA TYR A 41 3.69 7.63 5.15
C TYR A 41 3.94 9.08 5.50
N VAL A 42 5.09 9.36 6.15
CA VAL A 42 5.48 10.74 6.44
C VAL A 42 6.92 10.95 6.02
N ALA A 43 7.17 12.02 5.25
CA ALA A 43 8.52 12.36 4.75
C ALA A 43 9.04 13.71 5.19
N PHE A 44 10.31 13.73 5.56
CA PHE A 44 10.96 14.97 5.96
C PHE A 44 11.98 15.32 4.89
N THR A 45 11.93 16.57 4.41
CA THR A 45 12.86 17.04 3.35
C THR A 45 13.59 18.28 3.78
N ASP A 46 14.36 18.87 2.84
CA ASP A 46 15.11 20.10 3.06
C ASP A 46 14.19 21.29 3.31
N THR A 47 12.95 21.19 2.83
CA THR A 47 12.09 22.37 2.83
C THR A 47 10.72 22.16 3.49
N GLU A 48 10.36 20.90 3.75
CA GLU A 48 8.98 20.59 4.07
C GLU A 48 8.71 19.19 4.62
N ARG A 49 7.52 19.06 5.17
CA ARG A 49 6.99 17.78 5.59
C ARG A 49 5.93 17.32 4.57
N LEU A 50 6.07 16.09 4.07
CA LEU A 50 5.07 15.48 3.18
C LEU A 50 4.36 14.28 3.86
N ILE A 51 3.04 14.16 3.66
CA ILE A 51 2.28 13.05 4.28
C ILE A 51 1.40 12.40 3.19
N GLY A 52 1.33 11.07 3.17
CA GLY A 52 0.40 10.40 2.24
C GLY A 52 1.01 10.01 0.91
N ASP A 53 0.27 10.28 -0.17
CA ASP A 53 0.74 9.92 -1.50
C ASP A 53 2.08 10.58 -1.90
N ALA A 54 2.25 11.85 -1.54
CA ALA A 54 3.47 12.57 -1.88
C ALA A 54 4.70 11.97 -1.19
N ALA A 55 4.50 11.50 0.04
CA ALA A 55 5.58 10.89 0.80
C ALA A 55 5.91 9.53 0.22
N LYS A 56 4.88 8.74 -0.11
CA LYS A 56 5.14 7.43 -0.70
C LYS A 56 5.78 7.56 -2.07
N ASN A 57 5.34 8.54 -2.84
CA ASN A 57 5.87 8.72 -4.19
C ASN A 57 7.39 8.93 -4.27
N GLN A 58 7.96 9.62 -3.27
CA GLN A 58 9.40 9.97 -3.19
C GLN A 58 10.26 9.14 -2.23
N VAL A 59 9.77 7.96 -1.87
CA VAL A 59 10.51 7.00 -1.06
C VAL A 59 11.92 6.75 -1.61
N ALA A 60 12.04 6.60 -2.92
CA ALA A 60 13.33 6.23 -3.56
C ALA A 60 14.36 7.37 -3.45
N MET A 61 13.86 8.60 -3.46
CA MET A 61 14.72 9.75 -3.47
C MET A 61 15.23 10.07 -2.06
N ASN A 62 14.49 9.63 -1.04
CA ASN A 62 14.65 10.11 0.33
C ASN A 62 14.27 9.05 1.36
N PRO A 63 14.85 7.84 1.27
CA PRO A 63 14.31 6.70 2.03
C PRO A 63 14.68 6.75 3.53
N THR A 64 15.67 7.55 3.89
CA THR A 64 16.14 7.58 5.27
C THR A 64 15.31 8.60 6.06
N ASN A 65 14.71 9.56 5.38
CA ASN A 65 13.83 10.50 6.06
C ASN A 65 12.35 10.31 5.73
N THR A 66 12.00 9.12 5.22
CA THR A 66 10.58 8.78 4.95
C THR A 66 10.07 7.64 5.84
N VAL A 67 9.14 7.99 6.72
CA VAL A 67 8.67 7.06 7.77
C VAL A 67 7.34 6.40 7.37
N PHE A 68 7.25 5.09 7.54
CA PHE A 68 6.02 4.31 7.40
C PHE A 68 6.00 3.28 8.55
N ASP A 69 4.94 2.46 8.64
CA ASP A 69 4.84 1.38 9.64
C ASP A 69 4.89 1.86 11.09
N ALA A 70 4.57 3.12 11.34
CA ALA A 70 4.50 3.61 12.71
C ALA A 70 3.50 2.79 13.59
N LYS A 71 2.48 2.20 12.97
CA LYS A 71 1.53 1.32 13.67
C LYS A 71 2.20 0.05 14.26
N ARG A 72 3.27 -0.43 13.62
CA ARG A 72 4.08 -1.54 14.17
C ARG A 72 4.88 -1.14 15.42
N LEU A 73 5.03 0.16 15.65
CA LEU A 73 5.75 0.68 16.80
C LEU A 73 4.90 1.34 17.88
N ILE A 74 3.72 1.87 17.54
CA ILE A 74 2.98 2.74 18.45
C ILE A 74 2.70 1.98 19.76
N GLY A 75 3.02 2.60 20.89
CA GLY A 75 2.73 1.99 22.21
C GLY A 75 3.53 0.74 22.62
N ARG A 76 4.61 0.43 21.88
CA ARG A 76 5.44 -0.73 22.22
C ARG A 76 6.70 -0.25 22.89
N ARG A 77 7.35 -1.17 23.61
CA ARG A 77 8.61 -0.86 24.25
C ARG A 77 9.70 -1.08 23.23
N PHE A 78 10.78 -0.31 23.33
CA PHE A 78 11.89 -0.47 22.39
C PHE A 78 12.37 -1.93 22.28
N ASP A 79 12.36 -2.65 23.41
CA ASP A 79 12.83 -4.04 23.42
C ASP A 79 11.74 -5.09 23.10
N ASP A 80 10.56 -4.63 22.70
CA ASP A 80 9.51 -5.52 22.19
C ASP A 80 10.05 -6.31 21.00
N ALA A 81 9.83 -7.62 21.00
CA ALA A 81 10.18 -8.54 19.90
C ALA A 81 9.81 -8.00 18.51
N VAL A 82 8.63 -7.35 18.43
CA VAL A 82 8.15 -6.71 17.19
C VAL A 82 9.02 -5.53 16.73
N VAL A 83 9.32 -4.59 17.65
CA VAL A 83 10.17 -3.42 17.33
C VAL A 83 11.57 -3.87 16.91
N GLN A 84 12.19 -4.70 17.76
CA GLN A 84 13.49 -5.32 17.45
C GLN A 84 13.57 -5.98 16.08
N SER A 85 12.57 -6.79 15.75
CA SER A 85 12.56 -7.51 14.48
C SER A 85 12.44 -6.55 13.27
N ASP A 86 11.47 -5.65 13.32
CA ASP A 86 11.21 -4.73 12.20
C ASP A 86 12.31 -3.72 11.89
N MET A 87 13.06 -3.31 12.91
CA MET A 87 14.07 -2.27 12.78
C MET A 87 15.04 -2.54 11.65
N LYS A 88 15.59 -3.75 11.64
CA LYS A 88 16.54 -4.20 10.62
C LYS A 88 16.03 -3.99 9.19
N HIS A 89 14.71 -3.86 9.01
CA HIS A 89 14.11 -3.63 7.69
C HIS A 89 13.96 -2.14 7.30
N TRP A 90 13.66 -1.30 8.27
CA TRP A 90 13.34 0.09 7.98
C TRP A 90 14.61 0.87 7.68
N PRO A 91 14.57 1.71 6.62
CA PRO A 91 15.74 2.50 6.28
C PRO A 91 15.88 3.72 7.19
N PHE A 92 14.79 4.12 7.83
CA PHE A 92 14.86 5.26 8.75
C PHE A 92 15.47 4.80 10.10
N MET A 93 15.98 5.76 10.86
CA MET A 93 16.56 5.43 12.18
C MET A 93 15.48 5.33 13.26
N VAL A 94 15.55 4.24 14.03
CA VAL A 94 14.77 4.06 15.25
C VAL A 94 15.68 4.07 16.48
N VAL A 95 15.51 5.12 17.27
CA VAL A 95 16.34 5.48 18.42
C VAL A 95 15.76 4.92 19.73
N ASN A 96 16.60 4.64 20.72
CA ASN A 96 16.12 4.17 22.04
C ASN A 96 16.13 5.28 23.08
N ASP A 97 14.94 5.68 23.48
CA ASP A 97 14.79 6.85 24.31
C ASP A 97 14.16 6.40 25.62
N ALA A 98 15.04 5.98 26.54
CA ALA A 98 14.65 5.52 27.86
C ALA A 98 13.68 4.35 27.73
N GLY A 99 14.04 3.37 26.90
CA GLY A 99 13.22 2.18 26.70
C GLY A 99 12.03 2.29 25.74
N ARG A 100 11.81 3.48 25.18
CA ARG A 100 10.72 3.72 24.20
C ARG A 100 11.31 4.13 22.85
N PRO A 101 10.79 3.57 21.74
CA PRO A 101 11.29 3.91 20.40
C PRO A 101 10.88 5.33 19.96
N LYS A 102 11.82 6.05 19.36
CA LYS A 102 11.55 7.30 18.67
C LYS A 102 12.13 7.16 17.28
N VAL A 103 11.51 7.81 16.29
CA VAL A 103 12.11 7.80 14.95
C VAL A 103 12.96 9.06 14.84
N GLN A 104 14.13 8.91 14.24
CA GLN A 104 15.05 10.03 14.05
C GLN A 104 15.25 10.32 12.56
N VAL A 105 15.19 11.59 12.19
CA VAL A 105 15.39 12.00 10.79
C VAL A 105 16.06 13.38 10.68
N GLU A 106 16.45 13.74 9.45
CA GLU A 106 16.81 15.11 9.07
C GLU A 106 15.57 15.82 8.51
N TYR A 107 15.31 17.03 8.99
CA TYR A 107 14.16 17.81 8.55
C TYR A 107 14.55 19.29 8.43
N LYS A 108 14.40 19.83 7.21
CA LYS A 108 14.98 21.12 6.85
C LYS A 108 16.42 21.24 7.34
N GLY A 109 17.19 20.18 7.09
CA GLY A 109 18.61 20.08 7.42
C GLY A 109 18.96 20.14 8.90
N GLU A 110 18.02 19.76 9.75
CA GLU A 110 18.25 19.69 11.19
C GLU A 110 17.74 18.36 11.70
N THR A 111 18.46 17.77 12.65
CA THR A 111 18.07 16.44 13.15
C THR A 111 16.95 16.51 14.19
N LYS A 112 15.92 15.71 13.98
CA LYS A 112 14.73 15.71 14.85
C LYS A 112 14.27 14.27 15.17
N SER A 113 13.77 14.05 16.39
CA SER A 113 13.23 12.74 16.82
C SER A 113 11.72 12.87 17.07
N PHE A 114 10.96 11.80 16.77
CA PHE A 114 9.50 11.79 17.00
C PHE A 114 9.07 10.47 17.64
N TYR A 115 8.16 10.52 18.61
CA TYR A 115 7.54 9.30 19.12
C TYR A 115 6.55 8.75 18.07
N PRO A 116 6.27 7.42 18.06
CA PRO A 116 5.33 6.83 17.07
C PRO A 116 3.96 7.51 16.98
N GLU A 117 3.39 7.92 18.11
CA GLU A 117 2.10 8.61 18.12
C GLU A 117 2.20 9.98 17.47
N GLU A 118 3.40 10.58 17.49
CA GLU A 118 3.64 11.87 16.84
C GLU A 118 3.57 11.72 15.32
N VAL A 119 4.26 10.69 14.81
CA VAL A 119 4.14 10.25 13.40
C VAL A 119 2.70 9.85 13.01
N SER A 120 2.06 8.98 13.79
CA SER A 120 0.65 8.68 13.56
C SER A 120 -0.24 9.90 13.69
N SER A 121 0.13 10.89 14.52
CA SER A 121 -0.68 12.10 14.60
C SER A 121 -0.60 12.89 13.29
N MET A 122 0.52 12.80 12.62
CA MET A 122 0.70 13.50 11.35
C MET A 122 -0.16 12.84 10.29
N VAL A 123 -0.18 11.49 10.29
CA VAL A 123 -1.14 10.78 9.41
C VAL A 123 -2.58 11.14 9.73
N LEU A 124 -2.96 11.14 11.02
CA LEU A 124 -4.32 11.58 11.37
C LEU A 124 -4.66 13.02 10.97
N THR A 125 -3.68 13.91 11.14
CA THR A 125 -3.85 15.31 10.70
C THR A 125 -4.23 15.38 9.22
N LYS A 126 -3.54 14.56 8.43
CA LYS A 126 -3.85 14.46 7.00
C LYS A 126 -5.26 13.96 6.76
N MET A 127 -5.67 12.91 7.48
CA MET A 127 -6.98 12.36 7.30
C MET A 127 -8.03 13.40 7.74
N LYS A 128 -7.76 14.11 8.82
CA LYS A 128 -8.61 15.25 9.24
C LYS A 128 -8.72 16.34 8.13
N GLU A 129 -7.58 16.75 7.58
CA GLU A 129 -7.54 17.77 6.48
C GLU A 129 -8.28 17.29 5.23
N ILE A 130 -8.12 16.02 4.90
CA ILE A 130 -8.89 15.31 3.85
C ILE A 130 -10.40 15.43 4.02
N ALA A 131 -10.90 15.16 5.23
CA ALA A 131 -12.32 15.33 5.50
C ALA A 131 -12.70 16.80 5.45
N GLU A 132 -11.87 17.67 5.99
CA GLU A 132 -12.20 19.12 5.98
C GLU A 132 -12.29 19.69 4.56
N ALA A 133 -11.39 19.25 3.69
CA ALA A 133 -11.34 19.74 2.31
C ALA A 133 -12.59 19.33 1.54
N TYR A 134 -13.11 18.13 1.84
CA TYR A 134 -14.30 17.61 1.21
C TYR A 134 -15.59 18.25 1.73
N LEU A 135 -15.69 18.32 3.05
CA LEU A 135 -16.92 18.81 3.71
C LEU A 135 -17.05 20.33 3.65
N GLY A 136 -15.91 21.00 3.49
CA GLY A 136 -15.81 22.45 3.55
C GLY A 136 -16.18 22.99 4.91
N LYS A 137 -15.90 22.20 5.95
CA LYS A 137 -16.22 22.55 7.33
C LYS A 137 -15.12 21.99 8.21
N THR A 138 -14.91 22.62 9.37
CA THR A 138 -13.99 22.09 10.37
C THR A 138 -14.52 20.72 10.86
N VAL A 139 -13.58 19.82 11.11
CA VAL A 139 -13.91 18.47 11.55
C VAL A 139 -13.07 18.17 12.79
N THR A 140 -13.73 17.83 13.89
CA THR A 140 -13.06 17.65 15.16
C THR A 140 -13.38 16.25 15.74
N ASN A 141 -14.63 15.81 15.64
CA ASN A 141 -15.02 14.55 16.26
C ASN A 141 -14.66 13.36 15.35
N ALA A 142 -13.92 12.38 15.89
CA ALA A 142 -13.59 11.13 15.12
C ALA A 142 -13.73 9.80 15.94
N VAL A 143 -14.14 8.72 15.29
CA VAL A 143 -13.85 7.41 15.85
C VAL A 143 -12.61 6.88 15.13
N VAL A 144 -11.64 6.32 15.86
CA VAL A 144 -10.42 5.76 15.26
C VAL A 144 -10.33 4.27 15.63
N THR A 145 -9.92 3.43 14.67
CA THR A 145 -9.88 1.97 14.89
C THR A 145 -8.45 1.47 15.13
N VAL A 146 -8.38 0.31 15.77
CA VAL A 146 -7.13 -0.37 16.12
C VAL A 146 -7.38 -1.90 15.98
N PRO A 147 -6.32 -2.69 15.82
CA PRO A 147 -6.46 -4.17 15.86
C PRO A 147 -6.99 -4.64 17.22
N ALA A 148 -7.79 -5.72 17.22
CA ALA A 148 -8.40 -6.27 18.46
C ALA A 148 -7.33 -6.77 19.46
N TYR A 149 -6.16 -7.12 18.96
CA TYR A 149 -5.03 -7.58 19.80
C TYR A 149 -4.18 -6.47 20.44
N PHE A 150 -4.45 -5.20 20.08
CA PHE A 150 -3.82 -4.07 20.71
C PHE A 150 -4.04 -4.07 22.25
N ASN A 151 -2.96 -3.91 23.01
CA ASN A 151 -3.02 -3.81 24.48
C ASN A 151 -3.35 -2.36 24.94
N ASP A 152 -3.37 -2.12 26.26
CA ASP A 152 -3.72 -0.79 26.78
C ASP A 152 -2.76 0.30 26.31
N SER A 153 -1.48 -0.01 26.29
CA SER A 153 -0.46 0.95 25.90
C SER A 153 -0.61 1.38 24.43
N GLN A 154 -0.93 0.41 23.56
CA GLN A 154 -1.12 0.70 22.10
C GLN A 154 -2.39 1.47 21.82
N ARG A 155 -3.43 1.19 22.59
CA ARG A 155 -4.71 1.89 22.43
C ARG A 155 -4.59 3.35 22.89
N GLN A 156 -3.92 3.54 24.04
CA GLN A 156 -3.76 4.88 24.60
C GLN A 156 -2.83 5.76 23.72
N ALA A 157 -1.76 5.16 23.22
CA ALA A 157 -0.87 5.86 22.30
C ALA A 157 -1.64 6.25 21.02
N THR A 158 -2.54 5.38 20.54
CA THR A 158 -3.40 5.71 19.37
C THR A 158 -4.35 6.88 19.66
N LYS A 159 -5.04 6.83 20.78
CA LYS A 159 -5.89 7.94 21.24
C LYS A 159 -5.10 9.25 21.30
N ASP A 160 -3.92 9.20 21.90
CA ASP A 160 -3.01 10.36 22.02
C ASP A 160 -2.58 10.94 20.63
N ALA A 161 -2.31 10.07 19.66
CA ALA A 161 -2.07 10.51 18.27
C ALA A 161 -3.23 11.37 17.78
N GLY A 162 -4.45 10.93 18.04
CA GLY A 162 -5.65 11.68 17.67
C GLY A 162 -5.74 13.06 18.31
N THR A 163 -5.56 13.08 19.62
CA THR A 163 -5.56 14.31 20.41
C THR A 163 -4.50 15.31 19.94
N ILE A 164 -3.26 14.88 19.79
CA ILE A 164 -2.20 15.71 19.21
C ILE A 164 -2.60 16.32 17.84
N ALA A 165 -3.33 15.55 17.03
CA ALA A 165 -3.87 16.01 15.75
C ALA A 165 -5.08 16.96 15.84
N GLY A 166 -5.51 17.28 17.06
CA GLY A 166 -6.65 18.16 17.23
C GLY A 166 -7.98 17.48 17.11
N LEU A 167 -7.99 16.14 17.15
CA LEU A 167 -9.25 15.40 17.11
C LEU A 167 -9.79 15.16 18.51
N ASN A 168 -11.13 15.19 18.62
CA ASN A 168 -11.90 14.69 19.76
C ASN A 168 -12.25 13.25 19.42
N VAL A 169 -11.43 12.35 19.93
CA VAL A 169 -11.61 10.92 19.69
C VAL A 169 -12.76 10.43 20.55
N LEU A 170 -13.92 10.24 19.92
CA LEU A 170 -15.14 9.82 20.60
C LEU A 170 -14.99 8.43 21.21
N ARG A 171 -14.28 7.55 20.51
CA ARG A 171 -14.10 6.18 20.93
C ARG A 171 -13.05 5.55 20.05
N ILE A 172 -12.22 4.74 20.68
CA ILE A 172 -11.30 3.84 19.98
C ILE A 172 -12.03 2.51 19.88
N ILE A 173 -12.22 2.02 18.66
CA ILE A 173 -12.95 0.76 18.48
C ILE A 173 -12.12 -0.26 17.69
N ASN A 174 -12.30 -1.53 18.00
CA ASN A 174 -11.60 -2.59 17.28
C ASN A 174 -11.99 -2.65 15.78
N GLU A 175 -11.00 -2.93 14.93
CA GLU A 175 -11.22 -3.05 13.48
C GLU A 175 -12.31 -4.07 13.12
N PRO A 176 -12.22 -5.33 13.67
CA PRO A 176 -13.29 -6.31 13.38
C PRO A 176 -14.68 -5.88 13.84
N THR A 177 -14.76 -5.17 14.97
CA THR A 177 -16.05 -4.59 15.37
C THR A 177 -16.59 -3.58 14.36
N ALA A 178 -15.74 -2.65 13.89
CA ALA A 178 -16.18 -1.65 12.89
C ALA A 178 -16.69 -2.36 11.64
N ALA A 179 -15.98 -3.40 11.21
CA ALA A 179 -16.42 -4.20 10.04
C ALA A 179 -17.82 -4.83 10.28
N ALA A 180 -18.03 -5.44 11.45
CA ALA A 180 -19.38 -5.94 11.82
C ALA A 180 -20.49 -4.86 11.78
N ILE A 181 -20.21 -3.69 12.38
CA ILE A 181 -21.11 -2.53 12.37
C ILE A 181 -21.42 -2.11 10.95
N ALA A 182 -20.40 -2.06 10.08
CA ALA A 182 -20.63 -1.69 8.67
C ALA A 182 -21.73 -2.54 8.02
N TYR A 183 -21.73 -3.85 8.31
CA TYR A 183 -22.71 -4.80 7.80
C TYR A 183 -23.98 -4.86 8.63
N GLY A 184 -24.03 -4.05 9.69
CA GLY A 184 -25.24 -3.96 10.51
C GLY A 184 -25.52 -5.25 11.25
N LEU A 185 -24.47 -6.01 11.53
CA LEU A 185 -24.60 -7.27 12.24
C LEU A 185 -25.11 -7.06 13.67
N ASP A 186 -24.89 -5.88 14.24
CA ASP A 186 -25.46 -5.59 15.55
C ASP A 186 -26.94 -5.15 15.56
N LYS A 187 -27.52 -4.92 14.38
CA LYS A 187 -28.94 -4.59 14.23
C LYS A 187 -29.79 -5.87 14.13
N LYS A 188 -29.14 -7.02 13.94
CA LYS A 188 -29.85 -8.29 13.73
C LYS A 188 -30.52 -8.74 15.02
N VAL A 189 -31.82 -9.00 14.96
CA VAL A 189 -32.52 -9.42 16.16
C VAL A 189 -32.54 -10.94 16.27
N GLY A 190 -32.53 -11.44 17.51
CA GLY A 190 -32.54 -12.88 17.79
C GLY A 190 -31.73 -13.11 19.05
N ALA A 191 -31.05 -14.25 19.09
CA ALA A 191 -30.14 -14.59 20.19
C ALA A 191 -28.68 -14.24 19.86
N GLU A 192 -27.78 -14.58 20.77
CA GLU A 192 -26.34 -14.35 20.63
C GLU A 192 -25.79 -14.82 19.24
N ARG A 193 -24.96 -13.99 18.61
CA ARG A 193 -24.35 -14.32 17.32
C ARG A 193 -22.84 -14.42 17.39
N ASN A 194 -22.29 -15.38 16.66
CA ASN A 194 -20.86 -15.55 16.60
C ASN A 194 -20.43 -15.08 15.22
N VAL A 195 -19.49 -14.13 15.19
CA VAL A 195 -19.07 -13.52 13.92
C VAL A 195 -17.59 -13.80 13.68
N LEU A 196 -17.25 -14.26 12.49
CA LEU A 196 -15.85 -14.38 12.14
C LEU A 196 -15.45 -13.27 11.18
N ILE A 197 -14.41 -12.54 11.54
CA ILE A 197 -13.87 -11.50 10.64
C ILE A 197 -12.56 -12.01 10.03
N PHE A 198 -12.53 -12.09 8.69
CA PHE A 198 -11.39 -12.65 7.98
C PHE A 198 -10.74 -11.48 7.20
N ASP A 199 -9.60 -11.04 7.69
CA ASP A 199 -8.95 -9.79 7.25
C ASP A 199 -7.62 -10.09 6.57
N LEU A 200 -7.60 -10.07 5.23
CA LEU A 200 -6.36 -10.38 4.52
C LEU A 200 -5.90 -9.21 3.66
N GLY A 201 -4.77 -8.60 4.03
CA GLY A 201 -4.29 -7.41 3.28
C GLY A 201 -3.12 -7.70 2.32
N GLY A 202 -2.23 -6.72 2.15
CA GLY A 202 -1.02 -6.88 1.30
C GLY A 202 0.13 -7.53 2.03
N GLY A 203 0.15 -7.37 3.35
CA GLY A 203 1.24 -8.03 4.11
C GLY A 203 0.87 -8.96 5.26
N THR A 204 -0.29 -8.73 5.86
CA THR A 204 -0.69 -9.40 7.11
C THR A 204 -2.08 -10.02 7.00
N PHE A 205 -2.34 -11.01 7.86
CA PHE A 205 -3.60 -11.73 7.90
C PHE A 205 -4.05 -11.84 9.38
N ASP A 206 -5.22 -11.30 9.66
CA ASP A 206 -5.84 -11.34 10.97
C ASP A 206 -7.18 -12.02 10.90
N VAL A 207 -7.41 -12.98 11.80
CA VAL A 207 -8.75 -13.56 11.97
C VAL A 207 -9.25 -13.21 13.38
N SER A 208 -10.51 -12.82 13.49
CA SER A 208 -11.07 -12.48 14.82
C SER A 208 -12.43 -13.11 14.95
N ILE A 209 -12.73 -13.62 16.14
CA ILE A 209 -14.10 -14.06 16.46
C ILE A 209 -14.64 -13.19 17.58
N LEU A 210 -15.83 -12.67 17.32
CA LEU A 210 -16.59 -11.83 18.27
C LEU A 210 -17.93 -12.49 18.49
N THR A 211 -18.54 -12.25 19.65
CA THR A 211 -19.96 -12.51 19.89
C THR A 211 -20.72 -11.16 19.99
N ILE A 212 -21.89 -11.09 19.35
CA ILE A 212 -22.82 -9.96 19.48
C ILE A 212 -24.12 -10.46 20.14
N GLU A 213 -24.43 -9.88 21.30
CA GLU A 213 -25.74 -10.10 21.89
C GLU A 213 -26.39 -8.79 22.22
N ASP A 214 -27.55 -8.57 21.58
CA ASP A 214 -28.37 -7.39 21.78
C ASP A 214 -27.64 -6.12 21.41
N GLY A 215 -26.94 -6.12 20.27
CA GLY A 215 -26.11 -4.97 19.85
C GLY A 215 -24.81 -4.79 20.63
N ILE A 216 -24.51 -5.71 21.53
CA ILE A 216 -23.34 -5.56 22.40
C ILE A 216 -22.24 -6.54 21.99
N PHE A 217 -21.03 -6.01 21.76
CA PHE A 217 -19.87 -6.78 21.27
C PHE A 217 -18.94 -7.39 22.34
N GLU A 218 -18.43 -8.58 22.04
CA GLU A 218 -17.30 -9.13 22.80
C GLU A 218 -16.28 -9.85 21.87
N VAL A 219 -15.00 -9.57 22.05
CA VAL A 219 -13.91 -10.33 21.36
C VAL A 219 -13.61 -11.68 22.04
N LYS A 220 -13.81 -12.76 21.29
CA LYS A 220 -13.65 -14.13 21.81
C LYS A 220 -12.27 -14.70 21.54
N SER A 221 -11.71 -14.36 20.37
CA SER A 221 -10.41 -14.87 20.03
C SER A 221 -9.82 -14.15 18.82
N THR A 222 -8.49 -14.19 18.74
CA THR A 222 -7.77 -13.65 17.60
C THR A 222 -6.69 -14.62 17.15
N ALA A 223 -6.43 -14.61 15.85
CA ALA A 223 -5.40 -15.47 15.26
C ALA A 223 -4.90 -14.77 14.02
N GLY A 224 -3.84 -15.26 13.44
CA GLY A 224 -3.45 -14.71 12.15
C GLY A 224 -2.11 -15.18 11.72
N ASP A 225 -1.58 -14.51 10.71
CA ASP A 225 -0.27 -14.82 10.21
C ASP A 225 0.36 -13.49 9.93
N THR A 226 1.47 -13.25 10.63
CA THR A 226 2.25 -12.05 10.45
C THR A 226 2.87 -11.97 9.03
N HIS A 227 3.21 -13.13 8.45
CA HIS A 227 3.94 -13.10 7.17
C HIS A 227 3.12 -13.68 6.01
N LEU A 228 1.86 -13.25 5.88
CA LEU A 228 1.03 -13.70 4.75
C LEU A 228 0.11 -12.61 4.26
N GLY A 229 0.19 -12.27 2.96
CA GLY A 229 -0.68 -11.26 2.36
C GLY A 229 -0.51 -11.26 0.82
N GLY A 230 -1.17 -10.34 0.15
CA GLY A 230 -1.04 -10.20 -1.29
C GLY A 230 0.39 -10.14 -1.84
N GLU A 231 1.33 -9.50 -1.13
CA GLU A 231 2.76 -9.51 -1.60
C GLU A 231 3.29 -10.92 -1.82
N ASP A 232 2.91 -11.84 -0.94
CA ASP A 232 3.33 -13.23 -1.07
C ASP A 232 2.79 -13.92 -2.33
N PHE A 233 1.57 -13.56 -2.70
CA PHE A 233 0.99 -14.13 -3.94
C PHE A 233 1.68 -13.59 -5.17
N ASP A 234 2.02 -12.29 -5.13
CA ASP A 234 2.77 -11.64 -6.21
C ASP A 234 4.10 -12.31 -6.40
N ASN A 235 4.79 -12.56 -5.29
CA ASN A 235 6.05 -13.22 -5.39
C ASN A 235 6.02 -14.58 -6.05
N ARG A 236 5.01 -15.41 -5.76
CA ARG A 236 4.89 -16.70 -6.43
C ARG A 236 4.74 -16.50 -7.96
N MET A 237 4.03 -15.45 -8.37
CA MET A 237 3.90 -15.17 -9.81
C MET A 237 5.21 -14.68 -10.37
N VAL A 238 5.89 -13.80 -9.63
CA VAL A 238 7.19 -13.32 -10.06
C VAL A 238 8.13 -14.50 -10.35
N ASN A 239 8.20 -15.45 -9.41
CA ASN A 239 9.14 -16.54 -9.59
C ASN A 239 8.74 -17.44 -10.76
N HIS A 240 7.44 -17.58 -10.96
CA HIS A 240 6.91 -18.29 -12.13
C HIS A 240 7.40 -17.66 -13.46
N PHE A 241 7.32 -16.33 -13.55
CA PHE A 241 7.76 -15.64 -14.76
C PHE A 241 9.26 -15.51 -14.92
N ILE A 242 10.02 -15.36 -13.83
CA ILE A 242 11.47 -15.40 -13.94
C ILE A 242 11.91 -16.78 -14.53
N ALA A 243 11.30 -17.87 -14.08
CA ALA A 243 11.63 -19.23 -14.57
C ALA A 243 11.25 -19.39 -16.04
N GLU A 244 10.07 -18.92 -16.40
CA GLU A 244 9.65 -18.83 -17.81
C GLU A 244 10.65 -18.08 -18.72
N PHE A 245 11.11 -16.90 -18.26
CA PHE A 245 12.06 -16.11 -19.02
C PHE A 245 13.40 -16.89 -19.18
N LYS A 246 13.88 -17.52 -18.11
CA LYS A 246 15.11 -18.31 -18.21
C LYS A 246 14.95 -19.47 -19.20
N ARG A 247 13.79 -20.13 -19.14
CA ARG A 247 13.45 -21.26 -20.04
C ARG A 247 13.43 -20.86 -21.54
N LYS A 248 12.84 -19.71 -21.85
CA LYS A 248 12.75 -19.29 -23.22
C LYS A 248 13.98 -18.58 -23.74
N HIS A 249 14.65 -17.84 -22.87
CA HIS A 249 15.71 -16.95 -23.32
C HIS A 249 17.05 -17.27 -22.75
N LYS A 250 17.07 -18.19 -21.78
CA LYS A 250 18.30 -18.63 -21.10
C LYS A 250 19.09 -17.44 -20.58
N LYS A 251 18.37 -16.44 -20.05
CA LYS A 251 18.97 -15.28 -19.44
C LYS A 251 18.28 -15.12 -18.09
N ASP A 252 19.04 -14.63 -17.12
CA ASP A 252 18.60 -14.51 -15.74
C ASP A 252 18.36 -13.05 -15.46
N ILE A 253 17.10 -12.66 -15.34
CA ILE A 253 16.79 -11.27 -15.09
C ILE A 253 16.90 -10.96 -13.60
N SER A 254 17.08 -11.96 -12.76
CA SER A 254 16.89 -11.73 -11.31
C SER A 254 17.88 -10.78 -10.62
N GLU A 255 18.99 -10.47 -11.28
CA GLU A 255 20.00 -9.58 -10.72
C GLU A 255 19.77 -8.15 -11.20
N ASN A 256 18.83 -7.98 -12.11
CA ASN A 256 18.53 -6.66 -12.58
C ASN A 256 17.32 -6.12 -11.83
N LYS A 257 17.54 -5.16 -10.93
CA LYS A 257 16.50 -4.78 -9.96
C LYS A 257 15.35 -4.08 -10.72
N ARG A 258 15.70 -3.35 -11.77
CA ARG A 258 14.68 -2.65 -12.56
C ARG A 258 13.82 -3.62 -13.35
N ALA A 259 14.41 -4.64 -13.95
CA ALA A 259 13.63 -5.65 -14.66
C ALA A 259 12.67 -6.38 -13.68
N VAL A 260 13.20 -6.74 -12.51
CA VAL A 260 12.38 -7.49 -11.59
C VAL A 260 11.23 -6.58 -11.06
N ARG A 261 11.52 -5.30 -10.85
CA ARG A 261 10.50 -4.34 -10.40
C ARG A 261 9.45 -4.19 -11.50
N ARG A 262 9.88 -4.08 -12.76
CA ARG A 262 8.83 -4.00 -13.83
C ARG A 262 7.95 -5.22 -13.82
N LEU A 263 8.58 -6.39 -13.75
CA LEU A 263 7.83 -7.66 -13.71
C LEU A 263 6.87 -7.73 -12.50
N ARG A 264 7.41 -7.38 -11.32
CA ARG A 264 6.64 -7.41 -10.08
C ARG A 264 5.38 -6.50 -10.14
N THR A 265 5.54 -5.29 -10.64
CA THR A 265 4.41 -4.37 -10.78
C THR A 265 3.40 -4.94 -11.78
N ALA A 266 3.89 -5.53 -12.86
CA ALA A 266 2.96 -6.12 -13.83
C ALA A 266 2.19 -7.31 -13.19
N CYS A 267 2.90 -8.16 -12.43
CA CYS A 267 2.28 -9.32 -11.74
C CYS A 267 1.21 -8.95 -10.74
N GLU A 268 1.45 -7.92 -9.94
CA GLU A 268 0.47 -7.44 -8.99
C GLU A 268 -0.79 -6.96 -9.73
N ARG A 269 -0.61 -6.31 -10.86
CA ARG A 269 -1.80 -5.83 -11.64
C ARG A 269 -2.55 -6.98 -12.30
N ALA A 270 -1.81 -7.93 -12.90
CA ALA A 270 -2.43 -9.16 -13.45
C ALA A 270 -3.17 -9.95 -12.39
N LYS A 271 -2.60 -10.09 -11.17
CA LYS A 271 -3.34 -10.65 -10.06
C LYS A 271 -4.71 -10.04 -9.84
N ARG A 272 -4.76 -8.69 -9.80
CA ARG A 272 -6.03 -7.99 -9.61
C ARG A 272 -7.00 -8.29 -10.77
N THR A 273 -6.50 -8.30 -12.00
CA THR A 273 -7.31 -8.71 -13.18
C THR A 273 -7.90 -10.13 -13.02
N LEU A 274 -7.10 -11.04 -12.47
CA LEU A 274 -7.58 -12.45 -12.25
C LEU A 274 -8.64 -12.61 -11.18
N SER A 275 -8.98 -11.55 -10.47
CA SER A 275 -10.09 -11.64 -9.53
C SER A 275 -11.42 -11.44 -10.22
N SER A 276 -11.38 -10.93 -11.45
CA SER A 276 -12.62 -10.69 -12.21
C SER A 276 -12.67 -11.33 -13.62
N SER A 277 -11.52 -11.76 -14.12
CA SER A 277 -11.39 -12.46 -15.40
C SER A 277 -10.60 -13.74 -15.17
N THR A 278 -10.66 -14.68 -16.12
CA THR A 278 -10.08 -15.99 -15.91
C THR A 278 -8.71 -16.08 -16.55
N GLN A 279 -8.26 -14.97 -17.14
CA GLN A 279 -6.94 -14.85 -17.72
C GLN A 279 -6.48 -13.40 -17.75
N ALA A 280 -5.16 -13.21 -17.79
CA ALA A 280 -4.56 -11.89 -17.80
C ALA A 280 -3.33 -11.92 -18.73
N SER A 281 -3.16 -10.89 -19.54
CA SER A 281 -1.94 -10.81 -20.37
C SER A 281 -1.02 -9.73 -19.91
N ILE A 282 0.25 -9.94 -20.23
CA ILE A 282 1.33 -8.98 -19.94
C ILE A 282 2.23 -8.78 -21.17
N GLU A 283 2.51 -7.52 -21.52
CA GLU A 283 3.49 -7.21 -22.54
C GLU A 283 4.49 -6.21 -21.99
N ILE A 284 5.73 -6.64 -21.74
CA ILE A 284 6.77 -5.75 -21.29
C ILE A 284 7.84 -5.69 -22.39
N ASP A 285 7.92 -4.56 -23.08
CA ASP A 285 8.98 -4.42 -24.12
C ASP A 285 10.36 -4.29 -23.46
N SER A 286 11.36 -4.96 -24.06
CA SER A 286 12.74 -4.74 -23.67
C SER A 286 12.89 -4.94 -22.15
N LEU A 287 12.39 -6.08 -21.66
CA LEU A 287 12.45 -6.33 -20.20
C LEU A 287 13.91 -6.47 -19.71
N TYR A 288 14.70 -7.27 -20.43
CA TYR A 288 16.11 -7.51 -20.01
C TYR A 288 16.99 -7.74 -21.25
N GLU A 289 18.13 -7.06 -21.34
CA GLU A 289 19.03 -7.23 -22.51
C GLU A 289 18.30 -7.07 -23.85
N GLY A 290 17.35 -6.12 -23.88
CA GLY A 290 16.57 -5.86 -25.09
C GLY A 290 15.50 -6.87 -25.44
N ILE A 291 15.31 -7.89 -24.64
CA ILE A 291 14.32 -8.94 -24.96
C ILE A 291 12.95 -8.59 -24.44
N ASP A 292 11.95 -8.61 -25.35
CA ASP A 292 10.57 -8.38 -24.98
C ASP A 292 10.00 -9.61 -24.23
N PHE A 293 9.16 -9.34 -23.26
CA PHE A 293 8.46 -10.40 -22.52
C PHE A 293 6.96 -10.28 -22.65
N TYR A 294 6.37 -11.14 -23.49
CA TYR A 294 4.91 -11.16 -23.70
C TYR A 294 4.39 -12.49 -23.22
N THR A 295 3.43 -12.47 -22.32
CA THR A 295 3.02 -13.70 -21.66
C THR A 295 1.58 -13.57 -21.19
N SER A 296 1.03 -14.68 -20.71
CA SER A 296 -0.28 -14.67 -20.09
C SER A 296 -0.29 -15.65 -18.94
N ILE A 297 -1.30 -15.52 -18.09
CA ILE A 297 -1.45 -16.46 -16.97
C ILE A 297 -2.93 -16.62 -16.73
N THR A 298 -3.34 -17.85 -16.42
CA THR A 298 -4.76 -18.11 -16.20
C THR A 298 -5.03 -18.00 -14.69
N ARG A 299 -6.29 -17.76 -14.33
CA ARG A 299 -6.67 -17.86 -12.92
C ARG A 299 -6.28 -19.23 -12.34
N ALA A 300 -6.49 -20.32 -13.09
CA ALA A 300 -6.15 -21.63 -12.54
C ALA A 300 -4.65 -21.77 -12.26
N ARG A 301 -3.79 -21.32 -13.19
CA ARG A 301 -2.33 -21.27 -12.98
C ARG A 301 -1.96 -20.45 -11.72
N PHE A 302 -2.53 -19.24 -11.60
CA PHE A 302 -2.34 -18.37 -10.42
C PHE A 302 -2.73 -19.10 -9.12
N GLU A 303 -3.94 -19.71 -9.11
CA GLU A 303 -4.39 -20.57 -8.00
C GLU A 303 -3.41 -21.72 -7.68
N GLU A 304 -2.95 -22.41 -8.71
CA GLU A 304 -2.03 -23.52 -8.51
C GLU A 304 -0.73 -23.03 -7.87
N LEU A 305 -0.21 -21.89 -8.36
CA LEU A 305 1.05 -21.32 -7.81
C LEU A 305 0.97 -20.97 -6.32
N ASN A 306 -0.23 -20.67 -5.84
CA ASN A 306 -0.48 -20.27 -4.43
C ASN A 306 -1.30 -21.28 -3.59
N ALA A 307 -1.41 -22.52 -4.10
CA ALA A 307 -2.35 -23.47 -3.52
C ALA A 307 -2.05 -23.69 -2.03
N ASP A 308 -0.78 -23.84 -1.64
CA ASP A 308 -0.45 -24.01 -0.19
C ASP A 308 -0.82 -22.77 0.67
N LEU A 309 -0.43 -21.59 0.21
CA LEU A 309 -0.76 -20.32 0.89
C LEU A 309 -2.25 -20.07 1.04
N PHE A 310 -3.01 -20.26 -0.01
CA PHE A 310 -4.45 -20.05 0.05
C PHE A 310 -5.15 -20.99 1.07
N ARG A 311 -4.82 -22.29 0.99
CA ARG A 311 -5.38 -23.29 1.91
C ARG A 311 -4.90 -22.99 3.33
N GLY A 312 -3.68 -22.52 3.43
CA GLY A 312 -3.07 -22.07 4.68
C GLY A 312 -3.85 -21.00 5.44
N THR A 313 -4.71 -20.24 4.76
CA THR A 313 -5.47 -19.19 5.49
C THR A 313 -6.54 -19.79 6.39
N LEU A 314 -6.80 -21.08 6.21
CA LEU A 314 -7.78 -21.78 7.08
C LEU A 314 -7.24 -22.23 8.44
N ASP A 315 -5.91 -22.29 8.59
CA ASP A 315 -5.29 -22.66 9.87
C ASP A 315 -5.56 -21.64 11.01
N PRO A 316 -5.28 -20.32 10.78
CA PRO A 316 -5.73 -19.33 11.79
C PRO A 316 -7.22 -19.39 12.09
N VAL A 317 -8.05 -19.65 11.08
CA VAL A 317 -9.47 -19.81 11.27
C VAL A 317 -9.76 -20.97 12.29
N GLU A 318 -9.14 -22.12 12.07
CA GLU A 318 -9.34 -23.28 12.95
C GLU A 318 -8.86 -22.90 14.35
N LYS A 319 -7.70 -22.27 14.43
CA LYS A 319 -7.08 -21.77 15.67
C LYS A 319 -8.02 -20.88 16.46
N ALA A 320 -8.57 -19.88 15.77
CA ALA A 320 -9.53 -18.94 16.35
C ALA A 320 -10.77 -19.64 16.90
N LEU A 321 -11.26 -20.65 16.19
CA LEU A 321 -12.42 -21.43 16.68
C LEU A 321 -12.09 -22.22 17.95
N ARG A 322 -10.96 -22.89 17.96
CA ARG A 322 -10.51 -23.63 19.16
C ARG A 322 -10.46 -22.65 20.34
N ASP A 323 -9.76 -21.52 20.17
CA ASP A 323 -9.63 -20.51 21.22
C ASP A 323 -10.95 -19.85 21.68
N ALA A 324 -11.90 -19.75 20.77
CA ALA A 324 -13.22 -19.21 21.08
C ALA A 324 -14.16 -20.31 21.63
N LYS A 325 -13.65 -21.55 21.71
CA LYS A 325 -14.43 -22.74 22.11
C LYS A 325 -15.72 -22.85 21.30
N LEU A 326 -15.61 -22.74 19.98
CA LEU A 326 -16.75 -22.85 19.09
C LEU A 326 -16.51 -23.86 17.98
N ASP A 327 -17.60 -24.40 17.46
CA ASP A 327 -17.59 -25.29 16.29
C ASP A 327 -17.91 -24.46 15.07
N LYS A 328 -17.37 -24.84 13.91
CA LYS A 328 -17.50 -24.03 12.70
C LYS A 328 -18.96 -23.81 12.31
N SER A 329 -19.83 -24.74 12.77
CA SER A 329 -21.26 -24.62 12.57
C SER A 329 -21.89 -23.60 13.51
N GLN A 330 -21.18 -23.23 14.57
CA GLN A 330 -21.68 -22.18 15.51
C GLN A 330 -21.35 -20.73 15.04
N ILE A 331 -20.71 -20.59 13.87
CA ILE A 331 -20.48 -19.24 13.28
C ILE A 331 -21.68 -18.83 12.43
N HIS A 332 -22.26 -17.66 12.73
CA HIS A 332 -23.49 -17.18 12.09
C HIS A 332 -23.28 -16.19 10.95
N ASP A 333 -22.15 -15.46 11.03
CA ASP A 333 -21.81 -14.39 10.10
C ASP A 333 -20.30 -14.45 9.86
N ILE A 334 -19.90 -14.30 8.60
CA ILE A 334 -18.50 -14.22 8.21
C ILE A 334 -18.33 -12.92 7.40
N VAL A 335 -17.31 -12.13 7.74
CA VAL A 335 -17.13 -10.85 7.06
C VAL A 335 -15.71 -10.78 6.48
N LEU A 336 -15.62 -10.37 5.22
CA LEU A 336 -14.33 -10.28 4.53
C LEU A 336 -13.86 -8.86 4.55
N VAL A 337 -12.65 -8.63 5.03
CA VAL A 337 -12.04 -7.31 4.90
C VAL A 337 -10.58 -7.43 4.41
N GLY A 338 -10.05 -6.36 3.83
CA GLY A 338 -8.71 -6.48 3.28
C GLY A 338 -8.78 -6.74 1.80
N GLY A 339 -7.88 -6.09 1.07
CA GLY A 339 -7.93 -6.11 -0.37
C GLY A 339 -7.72 -7.49 -0.98
N SER A 340 -7.00 -8.39 -0.31
CA SER A 340 -6.75 -9.72 -0.91
C SER A 340 -7.96 -10.68 -0.78
N THR A 341 -8.96 -10.33 0.04
CA THR A 341 -10.16 -11.18 0.08
C THR A 341 -11.00 -11.15 -1.22
N ARG A 342 -10.66 -10.28 -2.16
CA ARG A 342 -11.29 -10.28 -3.50
C ARG A 342 -10.94 -11.52 -4.35
N ILE A 343 -9.91 -12.26 -3.98
CA ILE A 343 -9.49 -13.49 -4.73
C ILE A 343 -10.58 -14.57 -4.68
N PRO A 344 -11.15 -14.95 -5.85
CA PRO A 344 -12.25 -15.96 -5.88
C PRO A 344 -11.91 -17.23 -5.12
N LYS A 345 -10.72 -17.77 -5.29
CA LYS A 345 -10.29 -19.01 -4.60
C LYS A 345 -10.31 -18.96 -3.07
N ILE A 346 -9.85 -17.83 -2.51
CA ILE A 346 -9.94 -17.60 -1.07
C ILE A 346 -11.40 -17.61 -0.57
N GLN A 347 -12.28 -16.91 -1.29
CA GLN A 347 -13.72 -16.87 -0.96
C GLN A 347 -14.35 -18.28 -1.06
N LYS A 348 -13.97 -19.03 -2.10
CA LYS A 348 -14.41 -20.44 -2.25
C LYS A 348 -13.87 -21.36 -1.16
N LEU A 349 -12.59 -21.28 -0.82
CA LEU A 349 -12.07 -22.11 0.26
C LEU A 349 -12.79 -21.86 1.59
N LEU A 350 -13.19 -20.61 1.79
CA LEU A 350 -13.79 -20.21 3.06
C LEU A 350 -15.27 -20.57 3.10
N GLN A 351 -15.97 -20.27 2.01
CA GLN A 351 -17.38 -20.65 1.78
C GLN A 351 -17.59 -22.18 1.86
N ASP A 352 -16.59 -22.95 1.41
CA ASP A 352 -16.54 -24.42 1.57
C ASP A 352 -16.25 -24.89 2.99
N PHE A 353 -15.22 -24.31 3.61
CA PHE A 353 -14.91 -24.58 5.01
C PHE A 353 -16.15 -24.44 5.90
N PHE A 354 -16.98 -23.44 5.65
CA PHE A 354 -18.22 -23.24 6.40
C PHE A 354 -19.40 -23.88 5.68
N ASN A 355 -19.14 -25.05 5.12
CA ASN A 355 -20.15 -25.87 4.47
C ASN A 355 -21.14 -25.09 3.62
N GLY A 356 -20.63 -24.19 2.81
CA GLY A 356 -21.47 -23.47 1.87
C GLY A 356 -22.08 -22.17 2.35
N LYS A 357 -21.73 -21.75 3.57
CA LYS A 357 -22.24 -20.49 4.14
C LYS A 357 -21.93 -19.24 3.29
N GLU A 358 -22.90 -18.33 3.22
CA GLU A 358 -22.73 -17.05 2.59
C GLU A 358 -21.72 -16.13 3.31
N LEU A 359 -21.10 -15.23 2.56
CA LEU A 359 -20.08 -14.31 3.10
C LEU A 359 -20.54 -12.87 2.96
N ASN A 360 -20.31 -12.06 4.01
CA ASN A 360 -20.55 -10.62 3.91
C ASN A 360 -19.35 -9.97 3.24
N LYS A 361 -19.55 -9.52 2.01
CA LYS A 361 -18.47 -9.12 1.14
C LYS A 361 -18.82 -7.98 0.22
N SER A 362 -20.06 -7.48 0.26
CA SER A 362 -20.51 -6.40 -0.64
C SER A 362 -19.92 -5.02 -0.44
N ILE A 363 -19.41 -4.75 0.76
CA ILE A 363 -18.76 -3.45 0.97
C ILE A 363 -17.30 -3.63 0.56
N ASN A 364 -16.76 -2.66 -0.17
CA ASN A 364 -15.35 -2.62 -0.54
C ASN A 364 -14.50 -3.01 0.70
N PRO A 365 -13.72 -4.11 0.60
CA PRO A 365 -13.02 -4.68 1.75
C PRO A 365 -11.88 -3.79 2.23
N ASP A 366 -11.43 -2.86 1.39
CA ASP A 366 -10.45 -1.86 1.83
C ASP A 366 -11.08 -0.73 2.62
N GLU A 367 -12.38 -0.52 2.44
CA GLU A 367 -13.11 0.62 3.04
C GLU A 367 -14.04 0.22 4.18
N ALA A 368 -14.29 -1.08 4.36
CA ALA A 368 -15.30 -1.54 5.31
C ALA A 368 -15.01 -1.13 6.77
N VAL A 369 -13.74 -1.10 7.18
CA VAL A 369 -13.40 -0.67 8.56
C VAL A 369 -13.71 0.83 8.78
N ALA A 370 -13.25 1.70 7.87
CA ALA A 370 -13.63 3.11 7.88
C ALA A 370 -15.13 3.30 7.84
N TYR A 371 -15.81 2.50 7.02
CA TYR A 371 -17.23 2.56 6.87
C TYR A 371 -17.96 2.34 8.22
N GLY A 372 -17.64 1.26 8.95
CA GLY A 372 -18.21 1.00 10.31
C GLY A 372 -17.88 2.10 11.32
N ALA A 373 -16.62 2.59 11.26
CA ALA A 373 -16.15 3.73 12.09
C ALA A 373 -16.98 4.99 11.82
N ALA A 374 -17.33 5.24 10.57
CA ALA A 374 -18.11 6.41 10.27
C ALA A 374 -19.55 6.28 10.80
N VAL A 375 -20.16 5.09 10.66
CA VAL A 375 -21.53 4.81 11.18
C VAL A 375 -21.56 5.07 12.68
N GLN A 376 -20.60 4.51 13.40
CA GLN A 376 -20.51 4.68 14.85
C GLN A 376 -20.16 6.12 15.27
N ALA A 377 -19.40 6.84 14.43
CA ALA A 377 -19.07 8.23 14.75
C ALA A 377 -20.32 9.09 14.75
N ALA A 378 -21.21 8.85 13.79
CA ALA A 378 -22.44 9.63 13.69
C ALA A 378 -23.40 9.26 14.85
N ILE A 379 -23.34 8.01 15.28
CA ILE A 379 -24.16 7.51 16.39
C ILE A 379 -23.71 8.20 17.70
N LEU A 380 -22.40 8.27 17.90
CA LEU A 380 -21.81 8.84 19.12
C LEU A 380 -21.75 10.35 19.10
N SER A 381 -22.02 10.95 17.94
CA SER A 381 -21.95 12.40 17.84
C SER A 381 -23.14 13.09 18.54
N GLY B 1 -5.52 -1.09 -43.20
CA GLY B 1 -6.02 -1.76 -41.96
C GLY B 1 -6.35 -0.81 -40.81
N ASN B 2 -5.81 0.40 -40.86
CA ASN B 2 -5.94 1.42 -39.76
C ASN B 2 -7.31 1.49 -39.09
N SER B 3 -7.31 1.31 -37.76
CA SER B 3 -8.56 1.25 -37.04
C SER B 3 -8.70 2.45 -36.11
N PRO B 4 -9.95 2.87 -35.82
CA PRO B 4 -10.18 3.97 -34.88
C PRO B 4 -9.55 3.65 -33.52
N GLN B 5 -9.63 2.41 -33.06
CA GLN B 5 -9.03 2.03 -31.73
C GLN B 5 -7.52 2.26 -31.65
N GLU B 6 -6.80 2.06 -32.73
CA GLU B 6 -5.38 2.33 -32.65
C GLU B 6 -5.12 3.82 -32.38
N GLU B 7 -6.00 4.72 -32.86
CA GLU B 7 -5.91 6.14 -32.46
C GLU B 7 -5.83 6.40 -30.96
N VAL B 8 -6.62 5.66 -30.20
CA VAL B 8 -6.68 5.77 -28.75
C VAL B 8 -5.34 5.35 -28.17
N GLU B 9 -4.75 4.28 -28.71
CA GLU B 9 -3.47 3.79 -28.16
C GLU B 9 -2.35 4.76 -28.55
N LEU B 10 -2.41 5.23 -29.81
CA LEU B 10 -1.43 6.21 -30.30
C LEU B 10 -1.48 7.50 -29.50
N LYS B 11 -2.66 7.94 -29.10
CA LYS B 11 -2.79 9.14 -28.25
C LYS B 11 -2.17 8.95 -26.85
N LYS B 12 -2.50 7.83 -26.20
CA LYS B 12 -1.87 7.45 -24.93
C LYS B 12 -0.36 7.51 -25.08
N LEU B 13 0.17 6.91 -26.13
CA LEU B 13 1.64 6.85 -26.31
C LEU B 13 2.27 8.24 -26.51
N LYS B 14 1.55 9.12 -27.21
CA LYS B 14 2.05 10.48 -27.41
C LYS B 14 2.12 11.26 -26.13
N HIS B 15 1.11 11.10 -25.28
CA HIS B 15 1.11 11.71 -23.96
C HIS B 15 2.30 11.20 -23.14
N LEU B 16 2.55 9.88 -23.14
CA LEU B 16 3.78 9.36 -22.49
C LEU B 16 5.06 9.92 -23.14
N GLU B 17 5.09 10.08 -24.45
CA GLU B 17 6.28 10.66 -25.10
C GLU B 17 6.59 12.06 -24.58
N LYS B 18 5.54 12.88 -24.37
CA LYS B 18 5.69 14.22 -23.79
C LYS B 18 6.17 14.19 -22.35
N SER B 19 5.59 13.31 -21.54
CA SER B 19 6.10 13.13 -20.17
C SER B 19 7.59 12.80 -20.17
N VAL B 20 8.03 11.90 -21.06
CA VAL B 20 9.44 11.52 -21.15
C VAL B 20 10.31 12.72 -21.49
N GLU B 21 9.88 13.55 -22.45
CA GLU B 21 10.57 14.82 -22.74
C GLU B 21 10.73 15.72 -21.52
N LYS B 22 9.70 15.80 -20.67
CA LYS B 22 9.73 16.66 -19.45
C LYS B 22 10.82 16.20 -18.47
N ILE B 23 10.94 14.88 -18.38
CA ILE B 23 11.90 14.27 -17.48
C ILE B 23 13.29 14.38 -18.09
N ALA B 24 13.42 14.15 -19.39
CA ALA B 24 14.70 14.25 -20.08
C ALA B 24 15.29 15.65 -19.87
N ASP B 25 14.43 16.66 -19.87
CA ASP B 25 14.82 18.06 -19.64
C ASP B 25 15.35 18.28 -18.23
N GLN B 26 14.77 17.59 -17.25
CA GLN B 26 15.28 17.68 -15.88
C GLN B 26 16.69 17.15 -15.83
N LEU B 27 16.93 16.07 -16.57
CA LEU B 27 18.25 15.44 -16.65
C LEU B 27 19.22 16.41 -17.32
N GLU B 28 18.82 17.03 -18.42
CA GLU B 28 19.70 18.06 -19.02
C GLU B 28 20.02 19.22 -18.09
N GLU B 29 19.02 19.73 -17.37
CA GLU B 29 19.25 20.78 -16.36
C GLU B 29 20.21 20.32 -15.26
N LEU B 30 20.03 19.10 -14.77
CA LEU B 30 20.93 18.49 -13.80
C LEU B 30 22.39 18.45 -14.26
N ASN B 31 22.59 17.92 -15.45
CA ASN B 31 23.91 17.85 -16.02
C ASN B 31 24.59 19.23 -16.16
N LYS B 32 23.83 20.26 -16.52
CA LYS B 32 24.39 21.61 -16.68
C LYS B 32 24.85 22.17 -15.34
N GLU B 33 24.06 21.92 -14.30
CA GLU B 33 24.46 22.37 -12.96
C GLU B 33 25.70 21.63 -12.46
N LEU B 34 25.72 20.32 -12.65
CA LEU B 34 26.85 19.46 -12.30
C LEU B 34 28.19 20.01 -12.81
N THR B 35 28.25 20.35 -14.09
CA THR B 35 29.48 20.93 -14.67
C THR B 35 29.90 22.20 -13.93
N GLY B 36 28.96 23.13 -13.73
CA GLY B 36 29.16 24.34 -12.93
C GLY B 36 29.69 24.03 -11.54
N ILE B 37 29.01 23.15 -10.81
CA ILE B 37 29.45 22.76 -9.47
C ILE B 37 30.89 22.22 -9.48
N GLN B 38 31.11 21.20 -10.30
CA GLN B 38 32.39 20.52 -10.32
C GLN B 38 33.53 21.42 -10.73
N GLN B 39 33.24 22.35 -11.62
CA GLN B 39 34.16 23.42 -12.02
C GLN B 39 34.86 24.15 -10.86
N GLY B 40 34.79 23.57 -9.66
CA GLY B 40 35.52 24.02 -8.45
C GLY B 40 35.50 25.49 -8.10
N PHE B 41 34.43 25.94 -7.46
CA PHE B 41 34.28 27.33 -7.00
C PHE B 41 34.08 27.37 -5.48
N LEU B 42 33.33 26.38 -4.98
CA LEU B 42 33.02 26.17 -3.55
C LEU B 42 34.08 25.35 -2.82
N PRO B 43 34.24 25.59 -1.50
CA PRO B 43 35.11 24.71 -0.70
C PRO B 43 34.69 23.25 -0.94
N LYS B 44 35.64 22.33 -0.80
CA LYS B 44 35.38 20.93 -1.13
C LYS B 44 34.20 20.33 -0.35
N ASP B 45 34.06 20.70 0.92
CA ASP B 45 32.93 20.21 1.73
C ASP B 45 31.56 20.71 1.21
N LEU B 46 31.49 21.96 0.77
CA LEU B 46 30.26 22.57 0.21
C LEU B 46 29.93 22.07 -1.22
N GLN B 47 30.98 21.85 -2.01
CA GLN B 47 30.90 21.16 -3.28
C GLN B 47 30.29 19.74 -3.10
N ALA B 48 30.79 18.99 -2.13
CA ALA B 48 30.23 17.66 -1.84
C ALA B 48 28.75 17.74 -1.48
N GLU B 49 28.39 18.71 -0.63
CA GLU B 49 27.02 18.95 -0.22
C GLU B 49 26.11 19.17 -1.46
N ALA B 50 26.60 20.02 -2.36
CA ALA B 50 25.87 20.40 -3.59
C ALA B 50 25.72 19.21 -4.53
N LEU B 51 26.74 18.35 -4.55
CA LEU B 51 26.76 17.18 -5.43
C LEU B 51 25.78 16.10 -4.93
N CYS B 52 25.59 16.04 -3.61
CA CYS B 52 24.61 15.16 -3.00
C CYS B 52 23.17 15.61 -3.21
N LYS B 53 22.95 16.92 -3.24
CA LYS B 53 21.62 17.44 -3.57
C LYS B 53 21.29 17.10 -5.02
N LEU B 54 22.28 17.20 -5.89
CA LEU B 54 22.17 16.75 -7.27
C LEU B 54 21.95 15.25 -7.44
N ASP B 55 22.68 14.44 -6.66
CA ASP B 55 22.50 12.97 -6.61
C ASP B 55 21.06 12.61 -6.25
N ARG B 56 20.52 13.26 -5.23
CA ARG B 56 19.11 13.05 -4.87
C ARG B 56 18.13 13.39 -6.00
N ARG B 57 18.46 14.42 -6.76
CA ARG B 57 17.68 14.80 -7.94
C ARG B 57 17.74 13.82 -9.13
N VAL B 58 18.92 13.26 -9.40
CA VAL B 58 19.06 12.24 -10.45
C VAL B 58 18.26 10.99 -10.00
N LYS B 59 18.23 10.70 -8.70
CA LYS B 59 17.39 9.57 -8.22
C LYS B 59 15.90 9.81 -8.47
N ALA B 60 15.46 11.06 -8.33
CA ALA B 60 14.06 11.43 -8.65
C ALA B 60 13.77 11.21 -10.13
N THR B 61 14.75 11.55 -10.97
CA THR B 61 14.68 11.42 -12.43
C THR B 61 14.60 9.95 -12.81
N ILE B 62 15.48 9.14 -12.24
CA ILE B 62 15.38 7.69 -12.46
C ILE B 62 13.97 7.19 -12.08
N GLU B 63 13.50 7.53 -10.90
CA GLU B 63 12.18 7.03 -10.47
C GLU B 63 11.04 7.50 -11.40
N GLN B 64 11.09 8.74 -11.85
CA GLN B 64 10.13 9.23 -12.84
C GLN B 64 10.14 8.44 -14.16
N PHE B 65 11.34 8.13 -14.66
CA PHE B 65 11.46 7.23 -15.80
C PHE B 65 10.89 5.84 -15.47
N MET B 66 11.21 5.27 -14.31
CA MET B 66 10.65 3.94 -13.95
C MET B 66 9.11 3.92 -13.96
N LYS B 67 8.51 5.01 -13.48
CA LYS B 67 7.05 5.11 -13.46
C LYS B 67 6.42 5.14 -14.85
N ILE B 68 7.04 5.89 -15.75
CA ILE B 68 6.67 5.85 -17.16
C ILE B 68 6.72 4.40 -17.72
N LEU B 69 7.82 3.66 -17.47
CA LEU B 69 7.90 2.27 -17.95
C LEU B 69 6.77 1.42 -17.40
N GLU B 70 6.45 1.60 -16.13
CA GLU B 70 5.34 0.84 -15.54
C GLU B 70 4.00 1.17 -16.23
N GLU B 71 3.82 2.43 -16.60
CA GLU B 71 2.61 2.82 -17.28
C GLU B 71 2.55 2.22 -18.71
N ILE B 72 3.68 2.23 -19.40
CA ILE B 72 3.78 1.64 -20.74
C ILE B 72 3.51 0.13 -20.70
N ASP B 73 3.97 -0.52 -19.64
CA ASP B 73 3.79 -1.98 -19.40
C ASP B 73 2.34 -2.47 -19.16
N THR B 74 1.39 -1.54 -19.04
CA THR B 74 -0.02 -1.86 -18.91
C THR B 74 -0.73 -1.99 -20.26
N LEU B 75 -0.04 -1.64 -21.34
CA LEU B 75 -0.66 -1.63 -22.69
C LEU B 75 -0.62 -3.03 -23.28
N ILE B 76 -1.67 -3.38 -24.02
CA ILE B 76 -1.69 -4.63 -24.79
C ILE B 76 -2.06 -4.20 -26.22
N LEU B 77 -1.15 -4.48 -27.17
CA LEU B 77 -1.29 -4.05 -28.56
C LEU B 77 -1.33 -5.25 -29.50
N PRO B 78 -2.46 -5.45 -30.22
CA PRO B 78 -2.56 -6.52 -31.24
C PRO B 78 -1.41 -6.45 -32.26
N GLU B 79 -1.08 -7.60 -32.87
CA GLU B 79 0.01 -7.67 -33.86
C GLU B 79 -0.23 -6.66 -35.00
N ASN B 80 -1.49 -6.47 -35.36
CA ASN B 80 -1.87 -5.59 -36.47
C ASN B 80 -1.70 -4.09 -36.15
N PHE B 81 -1.56 -3.75 -34.85
CA PHE B 81 -1.33 -2.35 -34.49
C PHE B 81 0.12 -2.02 -34.60
N LYS B 82 0.66 -2.12 -35.82
CA LYS B 82 2.06 -1.96 -36.12
C LYS B 82 2.60 -0.60 -35.72
N ASP B 83 1.87 0.47 -36.02
CA ASP B 83 2.31 1.81 -35.69
C ASP B 83 2.46 1.99 -34.17
N SER B 84 1.48 1.51 -33.44
CA SER B 84 1.42 1.61 -31.96
C SER B 84 2.56 0.79 -31.37
N ARG B 85 2.66 -0.47 -31.82
CA ARG B 85 3.80 -1.32 -31.42
C ARG B 85 5.18 -0.67 -31.62
N LEU B 86 5.41 -0.08 -32.80
CA LEU B 86 6.70 0.58 -33.09
C LEU B 86 6.97 1.77 -32.16
N LYS B 87 5.94 2.57 -31.94
CA LYS B 87 6.02 3.71 -31.03
C LYS B 87 6.25 3.30 -29.57
N ARG B 88 5.57 2.23 -29.12
CA ARG B 88 5.83 1.66 -27.78
C ARG B 88 7.29 1.18 -27.63
N LYS B 89 7.75 0.34 -28.56
CA LYS B 89 9.13 -0.18 -28.48
C LYS B 89 10.13 0.97 -28.51
N GLY B 90 9.86 1.96 -29.35
CA GLY B 90 10.81 3.06 -29.57
C GLY B 90 10.91 3.92 -28.32
N LEU B 91 9.77 4.09 -27.66
CA LEU B 91 9.73 4.88 -26.45
C LEU B 91 10.41 4.17 -25.28
N VAL B 92 10.16 2.88 -25.12
CA VAL B 92 10.89 2.11 -24.11
C VAL B 92 12.41 2.20 -24.29
N LYS B 93 12.89 2.04 -25.52
CA LYS B 93 14.33 2.13 -25.76
C LYS B 93 14.93 3.50 -25.42
N LYS B 94 14.18 4.56 -25.75
CA LYS B 94 14.54 5.93 -25.42
C LYS B 94 14.69 6.13 -23.92
N VAL B 95 13.68 5.70 -23.17
CA VAL B 95 13.72 5.74 -21.71
C VAL B 95 14.91 4.96 -21.15
N GLN B 96 15.16 3.78 -21.70
CA GLN B 96 16.31 2.99 -21.23
C GLN B 96 17.66 3.66 -21.49
N ALA B 97 17.77 4.32 -22.65
CA ALA B 97 18.94 5.14 -22.99
C ALA B 97 19.10 6.30 -22.01
N PHE B 98 18.00 6.97 -21.65
CA PHE B 98 18.05 8.03 -20.63
C PHE B 98 18.41 7.45 -19.24
N LEU B 99 17.91 6.27 -18.90
CA LEU B 99 18.32 5.64 -17.62
C LEU B 99 19.82 5.33 -17.58
N ALA B 100 20.40 4.96 -18.71
CA ALA B 100 21.84 4.67 -18.78
C ALA B 100 22.59 5.95 -18.46
N GLU B 101 22.13 7.04 -19.05
CA GLU B 101 22.62 8.40 -18.81
C GLU B 101 22.52 8.79 -17.32
N CYS B 102 21.38 8.56 -16.69
CA CYS B 102 21.25 8.83 -15.24
C CYS B 102 22.25 8.00 -14.41
N ASP B 103 22.44 6.75 -14.79
CA ASP B 103 23.30 5.86 -14.00
C ASP B 103 24.76 6.34 -14.01
N THR B 104 25.21 6.79 -15.17
CA THR B 104 26.54 7.42 -15.32
C THR B 104 26.81 8.53 -14.31
N VAL B 105 25.83 9.42 -14.15
CA VAL B 105 25.92 10.55 -13.22
C VAL B 105 25.85 10.06 -11.78
N GLU B 106 24.80 9.30 -11.48
CA GLU B 106 24.51 8.70 -10.18
C GLU B 106 25.73 8.02 -9.61
N GLN B 107 26.34 7.18 -10.46
CA GLN B 107 27.57 6.45 -10.19
C GLN B 107 28.75 7.25 -10.74
N ASN B 108 28.91 8.46 -10.21
CA ASN B 108 30.11 9.26 -10.35
C ASN B 108 30.18 10.24 -9.18
N ILE B 109 29.01 10.58 -8.63
CA ILE B 109 28.93 11.65 -7.63
C ILE B 109 28.36 11.14 -6.32
N CYS B 110 28.58 11.90 -5.24
CA CYS B 110 28.07 11.52 -3.91
C CYS B 110 28.22 10.00 -3.67
N GLN B 111 29.41 9.46 -3.93
CA GLN B 111 29.75 8.06 -3.61
C GLN B 111 29.82 7.89 -2.10
#